data_8PMO
#
_entry.id   8PMO
#
_cell.length_a   83.406
_cell.length_b   43.782
_cell.length_c   66.045
_cell.angle_alpha   90.00
_cell.angle_beta   90.00
_cell.angle_gamma   90.00
#
_symmetry.space_group_name_H-M   'P 21 21 2'
#
loop_
_entity.id
_entity.type
_entity.pdbx_description
1 polymer Transthyretin
2 non-polymer (3-fluoranyl-5-oxidanyl-phenyl)-(3-methoxy-5-nitro-4-oxidanyl-phenyl)methanone
3 water water
#
_entity_poly.entity_id   1
_entity_poly.type   'polypeptide(L)'
_entity_poly.pdbx_seq_one_letter_code
;GPTGTGESKCPLMVKVLDAVRGSPAINVAVHVFRKAADDTWEPFASGKTSESGELHGLTTEEEFVEGIYKVEIDTKSYWK
ALGISPFHEHAEVVFTANDSGPRRYTIAALLSPYSYSTTAVITNPKE
;
_entity_poly.pdbx_strand_id   A,B
#
loop_
_chem_comp.id
_chem_comp.type
_chem_comp.name
_chem_comp.formula
ZP2 non-polymer (3-fluoranyl-5-oxidanyl-phenyl)-(3-methoxy-5-nitro-4-oxidanyl-phenyl)methanone 'C14 H10 F N O6'
#
# COMPACT_ATOMS: atom_id res chain seq x y z
N CYS A 10 21.88 -11.10 -2.64
CA CYS A 10 20.99 -9.95 -2.52
C CYS A 10 19.66 -10.37 -1.91
N PRO A 11 19.51 -10.15 -0.60
CA PRO A 11 18.31 -10.63 0.09
C PRO A 11 17.06 -9.80 -0.15
N LEU A 12 17.20 -8.56 -0.61
CA LEU A 12 16.05 -7.68 -0.78
C LEU A 12 16.24 -6.85 -2.04
N MET A 13 15.31 -6.98 -2.96
CA MET A 13 15.32 -6.21 -4.20
C MET A 13 13.93 -5.63 -4.39
N VAL A 14 13.87 -4.42 -4.93
CA VAL A 14 12.61 -3.75 -5.22
C VAL A 14 12.56 -3.46 -6.71
N LYS A 15 11.44 -3.80 -7.35
CA LYS A 15 11.27 -3.59 -8.78
C LYS A 15 9.97 -2.83 -9.01
N VAL A 16 10.03 -1.77 -9.82
CA VAL A 16 8.87 -0.92 -10.05
C VAL A 16 8.62 -0.80 -11.54
N LEU A 17 7.37 -1.01 -11.95
CA LEU A 17 6.94 -1.02 -13.34
C LEU A 17 5.84 0.01 -13.56
N ASP A 18 5.74 0.49 -14.79
CA ASP A 18 4.82 1.55 -15.18
C ASP A 18 3.81 0.96 -16.14
N ALA A 19 2.54 0.89 -15.71
CA ALA A 19 1.45 0.33 -16.51
C ALA A 19 0.90 1.29 -17.56
N VAL A 20 1.26 2.57 -17.49
CA VAL A 20 0.82 3.53 -18.50
C VAL A 20 1.71 3.46 -19.72
N ARG A 21 3.02 3.41 -19.50
CA ARG A 21 3.98 3.39 -20.60
C ARG A 21 4.43 1.99 -20.97
N GLY A 22 4.15 0.97 -20.16
CA GLY A 22 4.58 -0.37 -20.47
C GLY A 22 6.08 -0.51 -20.40
N SER A 23 6.67 -0.07 -19.29
CA SER A 23 8.11 0.08 -19.19
C SER A 23 8.51 -0.06 -17.74
N PRO A 24 9.78 -0.27 -17.46
CA PRO A 24 10.26 -0.08 -16.08
C PRO A 24 9.98 1.34 -15.65
N ALA A 25 9.77 1.52 -14.35
CA ALA A 25 9.67 2.83 -13.74
C ALA A 25 11.06 3.21 -13.25
N ILE A 26 11.70 4.14 -13.95
CA ILE A 26 13.11 4.46 -13.76
C ILE A 26 13.22 5.66 -12.82
N ASN A 27 14.25 5.67 -11.98
CA ASN A 27 14.56 6.79 -11.09
C ASN A 27 13.49 7.02 -10.03
N VAL A 28 12.83 5.94 -9.61
CA VAL A 28 11.85 6.03 -8.52
C VAL A 28 12.59 5.92 -7.19
N ALA A 29 12.35 6.88 -6.29
CA ALA A 29 12.98 6.84 -4.98
C ALA A 29 12.28 5.80 -4.10
N VAL A 30 13.09 5.02 -3.38
CA VAL A 30 12.60 3.95 -2.52
C VAL A 30 13.34 4.05 -1.19
N HIS A 31 12.59 4.05 -0.09
CA HIS A 31 13.17 4.11 1.25
C HIS A 31 12.70 2.91 2.05
N VAL A 32 13.62 2.26 2.74
CA VAL A 32 13.35 1.05 3.51
C VAL A 32 13.60 1.36 4.98
N PHE A 33 12.69 0.88 5.84
CA PHE A 33 12.76 1.08 7.27
C PHE A 33 12.56 -0.27 7.96
N ARG A 34 13.12 -0.39 9.16
CA ARG A 34 12.85 -1.54 10.01
C ARG A 34 12.20 -1.03 11.29
N LYS A 35 11.15 -1.71 11.73
CA LYS A 35 10.44 -1.27 12.92
C LYS A 35 11.32 -1.49 14.13
N ALA A 36 11.57 -0.41 14.88
CA ALA A 36 12.34 -0.55 16.10
C ALA A 36 11.54 -1.33 17.13
N ALA A 37 12.25 -2.04 18.01
CA ALA A 37 11.61 -2.56 19.20
C ALA A 37 11.00 -1.47 20.05
N ASP A 38 11.27 -0.20 19.71
CA ASP A 38 10.59 0.94 20.30
C ASP A 38 9.19 1.12 19.73
N ASP A 39 8.96 0.58 18.53
CA ASP A 39 7.70 0.61 17.77
C ASP A 39 7.62 1.77 16.78
N THR A 40 8.77 2.36 16.43
CA THR A 40 8.82 3.38 15.40
C THR A 40 9.77 2.95 14.28
N TRP A 41 9.71 3.67 13.17
CA TRP A 41 10.35 3.23 11.92
C TRP A 41 11.79 3.72 11.85
N GLU A 42 12.73 2.80 12.04
CA GLU A 42 14.16 3.11 11.96
C GLU A 42 14.62 3.04 10.51
N PRO A 43 15.29 4.06 10.00
CA PRO A 43 15.80 4.02 8.62
C PRO A 43 16.76 2.85 8.43
N PHE A 44 16.68 2.23 7.25
CA PHE A 44 17.41 1.00 6.97
C PHE A 44 18.26 1.12 5.70
N ALA A 45 17.63 1.49 4.58
CA ALA A 45 18.34 1.64 3.32
C ALA A 45 17.49 2.48 2.37
N SER A 46 18.12 2.97 1.31
CA SER A 46 17.37 3.69 0.28
C SER A 46 18.13 3.67 -1.03
N GLY A 47 17.43 4.03 -2.11
CA GLY A 47 18.02 4.06 -3.43
C GLY A 47 17.00 4.53 -4.45
N LYS A 48 17.41 4.56 -5.72
CA LYS A 48 16.51 4.87 -6.82
C LYS A 48 16.56 3.71 -7.82
N THR A 49 15.43 3.44 -8.47
CA THR A 49 15.39 2.33 -9.41
C THR A 49 16.25 2.63 -10.64
N SER A 50 16.85 1.58 -11.17
CA SER A 50 17.73 1.66 -12.33
C SER A 50 16.90 1.71 -13.62
N GLU A 51 17.59 1.69 -14.76
CA GLU A 51 16.93 1.67 -16.06
C GLU A 51 16.04 0.45 -16.23
N SER A 52 16.31 -0.63 -15.52
CA SER A 52 15.48 -1.82 -15.57
C SER A 52 14.34 -1.77 -14.55
N GLY A 53 14.22 -0.67 -13.82
CA GLY A 53 13.21 -0.56 -12.78
C GLY A 53 13.58 -1.25 -11.48
N GLU A 54 14.80 -1.73 -11.36
CA GLU A 54 15.21 -2.53 -10.21
C GLU A 54 16.13 -1.73 -9.31
N LEU A 55 16.04 -2.01 -8.02
CA LEU A 55 16.91 -1.43 -7.01
C LEU A 55 17.52 -2.59 -6.24
N HIS A 56 18.81 -2.81 -6.45
CA HIS A 56 19.60 -3.87 -5.84
C HIS A 56 20.51 -3.29 -4.75
N GLY A 57 21.10 -4.19 -3.96
CA GLY A 57 22.14 -3.80 -3.04
C GLY A 57 21.68 -3.01 -1.83
N LEU A 58 20.41 -3.14 -1.44
CA LEU A 58 19.91 -2.39 -0.30
C LEU A 58 20.52 -2.88 1.01
N THR A 59 20.71 -4.18 1.15
CA THR A 59 21.17 -4.74 2.42
C THR A 59 22.02 -5.98 2.14
N THR A 60 22.42 -6.66 3.22
CA THR A 60 23.23 -7.86 3.13
C THR A 60 22.54 -8.97 3.92
N GLU A 61 23.05 -10.19 3.73
CA GLU A 61 22.52 -11.34 4.46
C GLU A 61 22.59 -11.14 5.97
N GLU A 62 23.71 -10.59 6.46
CA GLU A 62 23.88 -10.44 7.91
C GLU A 62 22.95 -9.38 8.46
N GLU A 63 22.76 -8.28 7.73
CA GLU A 63 22.01 -7.17 8.26
C GLU A 63 20.51 -7.40 8.22
N PHE A 64 20.05 -8.16 7.22
CA PHE A 64 18.63 -8.35 6.95
C PHE A 64 18.07 -9.45 7.85
N VAL A 65 17.99 -9.13 9.14
CA VAL A 65 17.51 -10.08 10.15
C VAL A 65 15.99 -10.11 10.13
N GLU A 66 15.43 -11.05 10.89
CA GLU A 66 13.98 -11.07 11.09
C GLU A 66 13.52 -9.73 11.63
N GLY A 67 12.33 -9.33 11.20
CA GLY A 67 11.73 -8.11 11.69
C GLY A 67 10.62 -7.69 10.77
N ILE A 68 9.99 -6.59 11.15
CA ILE A 68 8.99 -5.95 10.31
C ILE A 68 9.68 -4.82 9.54
N TYR A 69 9.52 -4.85 8.23
CA TYR A 69 10.14 -3.88 7.34
C TYR A 69 9.07 -3.10 6.58
N LYS A 70 9.39 -1.85 6.25
CA LYS A 70 8.52 -0.98 5.48
C LYS A 70 9.30 -0.48 4.27
N VAL A 71 8.72 -0.62 3.09
CA VAL A 71 9.27 -0.09 1.85
C VAL A 71 8.34 1.01 1.39
N GLU A 72 8.86 2.24 1.31
CA GLU A 72 8.08 3.38 0.83
C GLU A 72 8.58 3.76 -0.55
N ILE A 73 7.68 3.72 -1.52
CA ILE A 73 7.99 4.00 -2.92
C ILE A 73 7.39 5.37 -3.25
N ASP A 74 8.22 6.29 -3.72
CA ASP A 74 7.78 7.66 -4.02
C ASP A 74 7.11 7.71 -5.40
N THR A 75 5.89 7.18 -5.43
CA THR A 75 5.13 7.16 -6.67
C THR A 75 4.68 8.56 -7.09
N LYS A 76 4.39 9.43 -6.13
CA LYS A 76 3.88 10.74 -6.47
C LYS A 76 4.90 11.54 -7.26
N SER A 77 6.17 11.52 -6.82
CA SER A 77 7.21 12.24 -7.56
C SER A 77 7.39 11.67 -8.95
N TYR A 78 7.26 10.35 -9.09
CA TYR A 78 7.38 9.70 -10.41
C TYR A 78 6.34 10.23 -11.39
N TRP A 79 5.07 10.25 -10.98
CA TRP A 79 4.01 10.71 -11.87
C TRP A 79 4.12 12.21 -12.14
N LYS A 80 4.49 12.99 -11.12
CA LYS A 80 4.64 14.43 -11.31
C LYS A 80 5.73 14.73 -12.34
N ALA A 81 6.85 14.00 -12.30
CA ALA A 81 7.90 14.22 -13.28
C ALA A 81 7.46 13.87 -14.70
N LEU A 82 6.46 13.01 -14.86
CA LEU A 82 5.90 12.68 -16.15
C LEU A 82 4.74 13.58 -16.55
N GLY A 83 4.35 14.53 -15.69
CA GLY A 83 3.25 15.41 -16.00
C GLY A 83 1.89 14.77 -15.91
N ILE A 84 1.75 13.76 -15.05
CA ILE A 84 0.52 12.99 -14.93
C ILE A 84 0.00 13.13 -13.50
N SER A 85 -1.29 13.46 -13.36
CA SER A 85 -1.91 13.62 -12.04
C SER A 85 -1.98 12.29 -11.31
N PRO A 86 -1.41 12.16 -10.11
CA PRO A 86 -1.49 10.89 -9.37
C PRO A 86 -2.47 10.96 -8.21
N PHE A 87 -2.99 9.81 -7.81
CA PHE A 87 -3.90 9.75 -6.68
C PHE A 87 -3.17 9.64 -5.34
N HIS A 88 -2.22 8.72 -5.26
CA HIS A 88 -1.62 8.35 -3.96
C HIS A 88 -0.46 9.27 -3.59
N GLU A 89 -0.27 9.46 -2.29
CA GLU A 89 0.90 10.20 -1.81
C GLU A 89 2.18 9.40 -1.96
N HIS A 90 2.08 8.07 -1.94
CA HIS A 90 3.21 7.14 -2.05
C HIS A 90 2.59 5.76 -2.09
N ALA A 91 3.41 4.73 -2.23
CA ALA A 91 2.99 3.35 -2.06
C ALA A 91 3.89 2.73 -1.00
N GLU A 92 3.28 2.28 0.09
CA GLU A 92 3.97 1.66 1.20
C GLU A 92 3.72 0.15 1.20
N VAL A 93 4.76 -0.63 1.45
CA VAL A 93 4.65 -2.07 1.58
C VAL A 93 5.26 -2.43 2.93
N VAL A 94 4.46 -3.03 3.82
CA VAL A 94 4.93 -3.40 5.15
C VAL A 94 4.79 -4.91 5.31
N PHE A 95 5.86 -5.57 5.74
CA PHE A 95 5.87 -7.04 5.79
C PHE A 95 6.82 -7.52 6.86
N THR A 96 6.57 -8.73 7.36
CA THR A 96 7.51 -9.41 8.24
C THR A 96 8.45 -10.27 7.39
N ALA A 97 9.74 -10.16 7.66
CA ALA A 97 10.75 -10.86 6.87
C ALA A 97 11.37 -12.00 7.66
N ASN A 98 11.72 -13.06 6.94
CA ASN A 98 12.63 -14.11 7.38
C ASN A 98 12.12 -14.91 8.57
N ASP A 99 10.81 -14.86 8.86
CA ASP A 99 10.32 -15.56 10.05
C ASP A 99 10.48 -17.08 9.95
N SER A 100 10.59 -17.62 8.74
CA SER A 100 10.85 -19.04 8.53
C SER A 100 12.25 -19.28 7.96
N GLY A 101 13.19 -18.40 8.27
CA GLY A 101 14.53 -18.46 7.71
C GLY A 101 14.75 -17.38 6.68
N PRO A 102 16.02 -17.03 6.42
CA PRO A 102 16.32 -16.04 5.38
C PRO A 102 15.85 -16.50 4.01
N ARG A 103 15.32 -15.54 3.25
CA ARG A 103 14.88 -15.78 1.89
C ARG A 103 15.36 -14.61 1.04
N ARG A 104 15.32 -14.80 -0.28
CA ARG A 104 15.55 -13.71 -1.22
C ARG A 104 14.20 -13.11 -1.59
N TYR A 105 14.00 -11.84 -1.26
CA TYR A 105 12.72 -11.16 -1.47
C TYR A 105 12.83 -10.21 -2.65
N THR A 106 11.90 -10.32 -3.58
CA THR A 106 11.68 -9.26 -4.56
C THR A 106 10.32 -8.65 -4.24
N ILE A 107 10.31 -7.36 -3.98
CA ILE A 107 9.07 -6.60 -3.80
C ILE A 107 8.83 -5.89 -5.11
N ALA A 108 7.80 -6.30 -5.84
CA ALA A 108 7.46 -5.69 -7.12
C ALA A 108 6.25 -4.80 -6.96
N ALA A 109 6.25 -3.68 -7.65
CA ALA A 109 5.12 -2.77 -7.66
C ALA A 109 4.82 -2.38 -9.09
N LEU A 110 3.55 -2.47 -9.46
CA LEU A 110 3.08 -2.07 -10.79
C LEU A 110 2.21 -0.85 -10.63
N LEU A 111 2.62 0.26 -11.25
CA LEU A 111 2.05 1.58 -10.96
C LEU A 111 1.16 2.06 -12.09
N SER A 112 -0.01 2.57 -11.73
CA SER A 112 -0.85 3.42 -12.55
C SER A 112 -1.16 4.69 -11.77
N PRO A 113 -1.65 5.73 -12.43
CA PRO A 113 -1.86 6.99 -11.69
C PRO A 113 -2.87 6.89 -10.55
N TYR A 114 -3.92 6.08 -10.69
CA TYR A 114 -4.95 5.94 -9.66
C TYR A 114 -5.01 4.54 -9.07
N SER A 115 -3.98 3.73 -9.27
CA SER A 115 -4.02 2.36 -8.77
C SER A 115 -2.60 1.84 -8.70
N TYR A 116 -2.34 0.96 -7.75
CA TYR A 116 -1.10 0.22 -7.80
C TYR A 116 -1.32 -1.18 -7.27
N SER A 117 -0.43 -2.07 -7.68
N SER A 117 -0.41 -2.07 -7.64
N SER A 117 -0.42 -2.07 -7.64
CA SER A 117 -0.38 -3.42 -7.17
CA SER A 117 -0.41 -3.47 -7.22
CA SER A 117 -0.45 -3.43 -7.12
C SER A 117 0.99 -3.65 -6.58
C SER A 117 0.97 -3.79 -6.72
C SER A 117 0.97 -3.79 -6.71
N THR A 118 1.06 -4.58 -5.65
CA THR A 118 2.34 -5.00 -5.13
C THR A 118 2.30 -6.50 -4.85
N THR A 119 3.45 -7.11 -5.02
N THR A 119 3.39 -7.17 -5.17
CA THR A 119 3.57 -8.55 -4.89
CA THR A 119 3.50 -8.60 -4.86
C THR A 119 4.94 -8.89 -4.35
C THR A 119 4.90 -8.86 -4.32
N ALA A 120 5.01 -9.97 -3.60
CA ALA A 120 6.29 -10.48 -3.12
C ALA A 120 6.59 -11.74 -3.90
N VAL A 121 7.81 -11.83 -4.42
CA VAL A 121 8.31 -13.03 -5.08
C VAL A 121 9.51 -13.46 -4.25
N ILE A 122 9.39 -14.60 -3.60
CA ILE A 122 10.34 -15.06 -2.61
C ILE A 122 10.95 -16.36 -3.11
N THR A 123 12.27 -16.45 -3.06
CA THR A 123 12.96 -17.66 -3.49
C THR A 123 13.95 -18.11 -2.43
N ASN A 124 14.12 -19.43 -2.35
CA ASN A 124 14.90 -20.08 -1.31
C ASN A 124 16.25 -20.48 -1.90
N PRO A 125 17.37 -19.90 -1.45
CA PRO A 125 18.67 -20.30 -1.99
C PRO A 125 19.40 -21.29 -1.09
N CYS B 10 -22.66 9.55 0.37
CA CYS B 10 -21.55 8.81 0.95
C CYS B 10 -20.26 9.17 0.22
N PRO B 11 -19.45 10.05 0.81
CA PRO B 11 -18.27 10.56 0.10
C PRO B 11 -17.06 9.65 0.16
N LEU B 12 -17.05 8.66 1.05
CA LEU B 12 -15.92 7.75 1.18
C LEU B 12 -16.43 6.36 1.48
N MET B 13 -16.16 5.43 0.59
CA MET B 13 -16.54 4.03 0.74
C MET B 13 -15.30 3.19 0.51
N VAL B 14 -15.17 2.08 1.23
CA VAL B 14 -14.05 1.15 1.08
C VAL B 14 -14.62 -0.21 0.73
N LYS B 15 -14.05 -0.85 -0.29
CA LYS B 15 -14.52 -2.16 -0.75
C LYS B 15 -13.33 -3.10 -0.81
N VAL B 16 -13.48 -4.29 -0.26
CA VAL B 16 -12.38 -5.26 -0.18
C VAL B 16 -12.85 -6.58 -0.76
N LEU B 17 -12.06 -7.14 -1.67
CA LEU B 17 -12.36 -8.37 -2.37
C LEU B 17 -11.26 -9.39 -2.15
N ASP B 18 -11.63 -10.67 -2.24
CA ASP B 18 -10.73 -11.79 -2.01
C ASP B 18 -10.48 -12.48 -3.35
N ALA B 19 -9.22 -12.47 -3.80
CA ALA B 19 -8.84 -13.02 -5.10
C ALA B 19 -8.62 -14.52 -5.07
N VAL B 20 -8.55 -15.13 -3.89
CA VAL B 20 -8.40 -16.58 -3.77
C VAL B 20 -9.75 -17.26 -3.91
N ARG B 21 -10.76 -16.76 -3.21
CA ARG B 21 -12.08 -17.37 -3.21
C ARG B 21 -13.03 -16.75 -4.20
N GLY B 22 -12.68 -15.61 -4.79
CA GLY B 22 -13.56 -14.96 -5.74
C GLY B 22 -14.81 -14.43 -5.06
N SER B 23 -14.63 -13.66 -4.00
CA SER B 23 -15.75 -13.28 -3.16
C SER B 23 -15.44 -11.93 -2.53
N PRO B 24 -16.44 -11.28 -1.96
CA PRO B 24 -16.13 -10.16 -1.05
C PRO B 24 -15.27 -10.65 0.11
N ALA B 25 -14.44 -9.75 0.61
CA ALA B 25 -13.71 -9.99 1.85
C ALA B 25 -14.53 -9.39 2.99
N ILE B 26 -15.14 -10.25 3.80
CA ILE B 26 -16.12 -9.85 4.80
C ILE B 26 -15.41 -9.65 6.14
N ASN B 27 -15.93 -8.71 6.93
CA ASN B 27 -15.46 -8.49 8.30
C ASN B 27 -13.99 -8.04 8.34
N VAL B 28 -13.55 -7.27 7.34
CA VAL B 28 -12.21 -6.72 7.34
C VAL B 28 -12.23 -5.39 8.06
N ALA B 29 -11.36 -5.24 9.05
CA ALA B 29 -11.27 -3.98 9.79
C ALA B 29 -10.57 -2.91 8.95
N VAL B 30 -11.11 -1.70 9.01
CA VAL B 30 -10.60 -0.58 8.24
C VAL B 30 -10.54 0.64 9.16
N HIS B 31 -9.36 1.28 9.24
CA HIS B 31 -9.19 2.49 10.03
C HIS B 31 -8.77 3.64 9.12
N VAL B 32 -9.42 4.79 9.28
CA VAL B 32 -9.14 5.98 8.47
C VAL B 32 -8.60 7.07 9.38
N PHE B 33 -7.55 7.74 8.91
CA PHE B 33 -6.89 8.83 9.61
C PHE B 33 -6.81 10.03 8.68
N ARG B 34 -6.69 11.21 9.27
CA ARG B 34 -6.51 12.45 8.52
C ARG B 34 -5.31 13.19 9.08
N LYS B 35 -4.47 13.71 8.19
CA LYS B 35 -3.26 14.39 8.63
C LYS B 35 -3.59 15.76 9.21
N ALA B 36 -3.13 15.99 10.44
CA ALA B 36 -3.39 17.25 11.12
C ALA B 36 -2.36 18.30 10.71
N ALA B 37 -2.62 19.54 11.16
CA ALA B 37 -1.73 20.65 10.83
C ALA B 37 -0.31 20.42 11.33
N ASP B 38 -0.15 19.71 12.43
CA ASP B 38 1.17 19.42 12.99
C ASP B 38 1.80 18.17 12.39
N ASP B 39 1.24 17.66 11.29
CA ASP B 39 1.74 16.51 10.54
C ASP B 39 1.50 15.16 11.22
N THR B 40 0.75 15.12 12.31
CA THR B 40 0.40 13.84 12.92
C THR B 40 -0.88 13.30 12.29
N TRP B 41 -1.08 11.99 12.46
CA TRP B 41 -2.25 11.30 11.93
C TRP B 41 -3.33 11.24 13.00
N GLU B 42 -4.46 11.87 12.72
CA GLU B 42 -5.52 11.85 13.71
C GLU B 42 -6.60 10.86 13.29
N PRO B 43 -7.09 10.07 14.23
CA PRO B 43 -8.16 9.11 13.91
C PRO B 43 -9.36 9.86 13.34
N PHE B 44 -9.87 9.34 12.24
CA PHE B 44 -10.96 9.98 11.50
C PHE B 44 -12.23 9.14 11.50
N ALA B 45 -12.14 7.86 11.17
CA ALA B 45 -13.29 6.95 11.17
C ALA B 45 -12.78 5.52 11.12
N SER B 46 -13.63 4.57 11.54
CA SER B 46 -13.28 3.17 11.37
C SER B 46 -14.54 2.34 11.22
N GLY B 47 -14.35 1.11 10.76
CA GLY B 47 -15.46 0.19 10.58
C GLY B 47 -14.97 -1.15 10.07
N LYS B 48 -15.91 -2.03 9.72
CA LYS B 48 -15.56 -3.31 9.12
C LYS B 48 -16.41 -3.55 7.88
N THR B 49 -15.85 -4.30 6.94
CA THR B 49 -16.59 -4.56 5.71
C THR B 49 -17.76 -5.49 5.98
N SER B 50 -18.84 -5.26 5.25
CA SER B 50 -20.08 -6.00 5.34
C SER B 50 -19.99 -7.28 4.51
N GLU B 51 -21.13 -7.98 4.41
CA GLU B 51 -21.22 -9.20 3.61
C GLU B 51 -20.91 -8.95 2.14
N SER B 52 -21.10 -7.71 1.67
CA SER B 52 -20.80 -7.36 0.30
C SER B 52 -19.34 -6.93 0.11
N GLY B 53 -18.54 -6.96 1.18
CA GLY B 53 -17.19 -6.45 1.11
C GLY B 53 -17.09 -4.95 1.20
N GLU B 54 -18.19 -4.26 1.46
CA GLU B 54 -18.21 -2.81 1.43
C GLU B 54 -18.35 -2.25 2.83
N LEU B 55 -17.77 -1.07 3.03
CA LEU B 55 -17.86 -0.33 4.28
C LEU B 55 -18.37 1.06 3.91
N HIS B 56 -19.62 1.33 4.29
CA HIS B 56 -20.31 2.59 4.04
C HIS B 56 -20.42 3.37 5.34
N GLY B 57 -20.79 4.65 5.21
CA GLY B 57 -21.11 5.46 6.38
C GLY B 57 -19.95 5.96 7.19
N LEU B 58 -18.73 5.95 6.64
CA LEU B 58 -17.57 6.38 7.42
C LEU B 58 -17.65 7.87 7.77
N THR B 59 -18.13 8.70 6.85
CA THR B 59 -18.09 10.14 7.05
C THR B 59 -19.27 10.79 6.32
N THR B 60 -19.28 12.12 6.33
CA THR B 60 -20.33 12.93 5.72
C THR B 60 -19.69 13.96 4.81
N GLU B 61 -20.51 14.57 3.95
CA GLU B 61 -20.05 15.64 3.08
C GLU B 61 -19.38 16.76 3.86
N GLU B 62 -20.01 17.17 4.96
CA GLU B 62 -19.50 18.31 5.73
C GLU B 62 -18.19 17.97 6.42
N GLU B 63 -18.07 16.74 6.92
CA GLU B 63 -16.88 16.38 7.69
C GLU B 63 -15.68 16.10 6.80
N PHE B 64 -15.93 15.59 5.59
CA PHE B 64 -14.87 15.10 4.71
C PHE B 64 -14.28 16.26 3.90
N VAL B 65 -13.55 17.12 4.61
CA VAL B 65 -12.95 18.33 4.03
C VAL B 65 -11.69 17.95 3.25
N GLU B 66 -11.11 18.93 2.55
CA GLU B 66 -9.81 18.73 1.95
C GLU B 66 -8.82 18.24 3.00
N GLY B 67 -7.92 17.37 2.59
CA GLY B 67 -6.88 16.91 3.48
C GLY B 67 -6.19 15.70 2.89
N ILE B 68 -5.18 15.24 3.62
CA ILE B 68 -4.50 13.99 3.31
C ILE B 68 -5.08 12.92 4.23
N TYR B 69 -5.59 11.86 3.64
CA TYR B 69 -6.24 10.79 4.37
C TYR B 69 -5.48 9.49 4.19
N LYS B 70 -5.50 8.68 5.25
CA LYS B 70 -4.86 7.37 5.24
C LYS B 70 -5.92 6.33 5.57
N VAL B 71 -6.05 5.34 4.70
CA VAL B 71 -6.94 4.20 4.90
C VAL B 71 -6.08 2.98 5.16
N GLU B 72 -6.20 2.41 6.36
CA GLU B 72 -5.44 1.22 6.75
C GLU B 72 -6.38 0.04 6.82
N ILE B 73 -6.14 -0.95 5.97
CA ILE B 73 -6.97 -2.13 5.85
C ILE B 73 -6.24 -3.28 6.53
N ASP B 74 -6.90 -3.90 7.52
CA ASP B 74 -6.26 -4.98 8.28
C ASP B 74 -6.35 -6.30 7.52
N THR B 75 -5.52 -6.40 6.49
CA THR B 75 -5.50 -7.61 5.67
C THR B 75 -4.89 -8.79 6.41
N LYS B 76 -3.96 -8.53 7.34
CA LYS B 76 -3.30 -9.64 8.03
C LYS B 76 -4.30 -10.43 8.86
N SER B 77 -5.18 -9.74 9.61
CA SER B 77 -6.16 -10.49 10.41
C SER B 77 -7.13 -11.27 9.55
N TYR B 78 -7.48 -10.72 8.38
CA TYR B 78 -8.35 -11.44 7.46
C TYR B 78 -7.74 -12.77 7.07
N TRP B 79 -6.47 -12.77 6.63
CA TRP B 79 -5.83 -14.02 6.21
C TRP B 79 -5.60 -14.95 7.38
N LYS B 80 -5.19 -14.42 8.53
CA LYS B 80 -4.90 -15.27 9.69
C LYS B 80 -6.13 -16.03 10.12
N ALA B 81 -7.31 -15.42 10.03
CA ALA B 81 -8.54 -16.09 10.40
C ALA B 81 -8.86 -17.24 9.46
N LEU B 82 -8.32 -17.21 8.24
CA LEU B 82 -8.44 -18.29 7.28
C LEU B 82 -7.30 -19.28 7.36
N GLY B 83 -6.44 -19.17 8.40
CA GLY B 83 -5.33 -20.08 8.58
C GLY B 83 -4.05 -19.68 7.87
N ILE B 84 -4.01 -18.54 7.21
CA ILE B 84 -2.92 -18.17 6.31
C ILE B 84 -2.06 -17.10 6.98
N SER B 85 -0.76 -17.28 6.90
CA SER B 85 0.18 -16.24 7.29
C SER B 85 0.57 -15.43 6.06
N PRO B 86 0.00 -14.25 5.87
CA PRO B 86 0.20 -13.53 4.62
C PRO B 86 1.49 -12.72 4.66
N PHE B 87 1.85 -12.19 3.52
CA PHE B 87 3.08 -11.40 3.42
C PHE B 87 2.94 -10.04 4.11
N HIS B 88 1.86 -9.31 3.84
CA HIS B 88 1.76 -7.92 4.27
C HIS B 88 1.18 -7.80 5.67
N GLU B 89 1.67 -6.79 6.40
CA GLU B 89 1.10 -6.52 7.72
C GLU B 89 -0.27 -5.86 7.62
N HIS B 90 -0.51 -5.13 6.55
CA HIS B 90 -1.74 -4.39 6.29
C HIS B 90 -1.64 -3.88 4.86
N ALA B 91 -2.69 -3.22 4.40
CA ALA B 91 -2.65 -2.46 3.16
C ALA B 91 -3.05 -1.04 3.50
N GLU B 92 -2.16 -0.09 3.22
CA GLU B 92 -2.37 1.31 3.50
C GLU B 92 -2.56 2.06 2.19
N VAL B 93 -3.52 2.97 2.17
CA VAL B 93 -3.78 3.83 1.01
C VAL B 93 -3.79 5.27 1.51
N VAL B 94 -2.85 6.10 1.02
CA VAL B 94 -2.73 7.48 1.46
C VAL B 94 -2.92 8.39 0.26
N PHE B 95 -3.80 9.38 0.40
CA PHE B 95 -4.18 10.21 -0.73
C PHE B 95 -4.67 11.58 -0.26
N THR B 96 -4.48 12.58 -1.12
CA THR B 96 -5.09 13.89 -0.92
C THR B 96 -6.52 13.84 -1.46
N ALA B 97 -7.46 14.33 -0.68
CA ALA B 97 -8.88 14.29 -1.05
C ALA B 97 -9.40 15.71 -1.24
N ASN B 98 -10.31 15.85 -2.22
CA ASN B 98 -11.11 17.05 -2.43
C ASN B 98 -10.29 18.27 -2.83
N ASP B 99 -9.09 18.05 -3.40
CA ASP B 99 -8.22 19.17 -3.74
C ASP B 99 -8.83 20.06 -4.81
N SER B 100 -9.69 19.52 -5.67
CA SER B 100 -10.36 20.27 -6.73
C SER B 100 -11.86 20.40 -6.47
N GLY B 101 -12.26 20.32 -5.21
CA GLY B 101 -13.66 20.36 -4.85
C GLY B 101 -14.12 19.00 -4.36
N PRO B 102 -15.31 18.94 -3.79
CA PRO B 102 -15.79 17.67 -3.20
C PRO B 102 -15.96 16.59 -4.25
N ARG B 103 -15.51 15.39 -3.92
CA ARG B 103 -15.69 14.21 -4.75
C ARG B 103 -16.13 13.06 -3.86
N ARG B 104 -16.72 12.04 -4.49
CA ARG B 104 -17.03 10.79 -3.82
C ARG B 104 -15.97 9.76 -4.22
N TYR B 105 -15.38 9.12 -3.23
CA TYR B 105 -14.27 8.19 -3.43
C TYR B 105 -14.68 6.79 -3.01
N THR B 106 -14.43 5.82 -3.88
CA THR B 106 -14.41 4.41 -3.51
C THR B 106 -12.96 3.96 -3.53
N ILE B 107 -12.46 3.48 -2.40
CA ILE B 107 -11.15 2.89 -2.30
C ILE B 107 -11.36 1.38 -2.31
N ALA B 108 -10.93 0.71 -3.37
CA ALA B 108 -11.06 -0.74 -3.48
C ALA B 108 -9.71 -1.41 -3.29
N ALA B 109 -9.74 -2.60 -2.70
CA ALA B 109 -8.55 -3.42 -2.54
C ALA B 109 -8.90 -4.84 -2.91
N LEU B 110 -8.02 -5.49 -3.68
CA LEU B 110 -8.19 -6.86 -4.10
C LEU B 110 -7.04 -7.67 -3.49
N LEU B 111 -7.37 -8.66 -2.65
CA LEU B 111 -6.39 -9.26 -1.75
C LEU B 111 -6.01 -10.68 -2.16
N SER B 112 -4.72 -10.97 -2.11
CA SER B 112 -4.19 -12.33 -2.17
C SER B 112 -3.17 -12.45 -1.04
N PRO B 113 -2.78 -13.66 -0.66
CA PRO B 113 -1.87 -13.77 0.50
C PRO B 113 -0.55 -13.05 0.33
N TYR B 114 0.00 -12.99 -0.88
CA TYR B 114 1.32 -12.38 -1.11
C TYR B 114 1.24 -11.17 -2.04
N SER B 115 0.04 -10.62 -2.26
CA SER B 115 -0.11 -9.51 -3.19
C SER B 115 -1.41 -8.80 -2.91
N TYR B 116 -1.43 -7.49 -3.16
CA TYR B 116 -2.72 -6.82 -3.23
C TYR B 116 -2.66 -5.73 -4.28
N SER B 117 -3.84 -5.37 -4.78
N SER B 117 -3.83 -5.41 -4.80
N SER B 117 -3.83 -5.38 -4.79
CA SER B 117 -4.04 -4.32 -5.78
CA SER B 117 -4.01 -4.29 -5.69
CA SER B 117 -3.97 -4.28 -5.74
C SER B 117 -5.09 -3.37 -5.24
C SER B 117 -4.96 -3.33 -5.02
C SER B 117 -5.06 -3.36 -5.23
N THR B 118 -4.84 -2.06 -5.37
CA THR B 118 -5.76 -1.07 -4.88
C THR B 118 -6.01 -0.05 -5.96
N THR B 119 -7.21 0.51 -5.94
N THR B 119 -7.25 0.43 -6.05
CA THR B 119 -7.62 1.47 -6.95
CA THR B 119 -7.61 1.47 -7.00
C THR B 119 -8.55 2.47 -6.29
C THR B 119 -8.57 2.44 -6.34
N ALA B 120 -8.68 3.62 -6.93
CA ALA B 120 -9.65 4.62 -6.53
C ALA B 120 -10.63 4.80 -7.68
N VAL B 121 -11.91 4.85 -7.36
CA VAL B 121 -12.96 5.20 -8.31
C VAL B 121 -13.62 6.45 -7.76
N ILE B 122 -13.47 7.55 -8.50
CA ILE B 122 -13.86 8.88 -8.03
C ILE B 122 -14.95 9.40 -8.93
N THR B 123 -16.02 9.93 -8.33
CA THR B 123 -17.12 10.52 -9.09
C THR B 123 -17.43 11.91 -8.55
N ASN B 124 -17.98 12.75 -9.43
CA ASN B 124 -18.30 14.12 -9.05
C ASN B 124 -19.78 14.20 -8.76
N PRO B 125 -20.19 14.48 -7.51
CA PRO B 125 -21.59 14.48 -7.05
C PRO B 125 -22.48 15.47 -7.81
O22 ZP2 C . 8.18 -9.76 -9.75
O17 ZP2 C . 10.61 -9.53 -12.86
C11 ZP2 C . 6.75 -8.04 -13.18
C02 ZP2 C . 2.08 -7.21 -11.58
C03 ZP2 C . 2.42 -6.67 -10.36
C04 ZP2 C . 3.73 -6.37 -10.06
C06 ZP2 C . 4.73 -6.61 -11.00
C07 ZP2 C . 4.38 -7.17 -12.22
C08 ZP2 C . 3.06 -7.45 -12.52
C09 ZP2 C . 5.35 -7.49 -13.35
C12 ZP2 C . 7.64 -7.90 -14.24
C13 ZP2 C . 8.93 -8.38 -14.13
C15 ZP2 C . 9.60 -7.13 -16.03
C16 ZP2 C . 9.32 -9.04 -12.98
C18 ZP2 C . 8.42 -9.19 -11.94
C19 ZP2 C . 7.13 -8.70 -12.03
F05 ZP2 C . 4.03 -5.84 -8.82
N20 ZP2 C . 8.83 -9.87 -10.73
O01 ZP2 C . 0.75 -7.51 -11.90
O10 ZP2 C . 4.99 -7.26 -14.45
O14 ZP2 C . 9.84 -8.23 -15.18
O21 ZP2 C . 9.99 -10.66 -10.74
O22 ZP2 D . -13.50 -0.25 -7.34
O17 ZP2 D . -16.86 -2.35 -7.39
C11 ZP2 D . -13.26 -4.22 -8.46
C02 ZP2 D . -8.21 -4.43 -8.83
C03 ZP2 D . -8.03 -3.76 -7.65
C04 ZP2 D . -9.12 -3.48 -6.85
C06 ZP2 D . -10.39 -3.85 -7.22
C07 ZP2 D . -10.58 -4.51 -8.42
C08 ZP2 D . -9.48 -4.81 -9.22
C09 ZP2 D . -11.98 -4.95 -8.87
C12 ZP2 D . -14.45 -4.94 -8.41
C13 ZP2 D . -15.64 -4.32 -8.05
C15 ZP2 D . -16.80 -6.14 -7.12
C16 ZP2 D . -15.65 -2.97 -7.75
C18 ZP2 D . -14.48 -2.25 -7.81
C19 ZP2 D . -13.29 -2.87 -8.17
F05 ZP2 D . -8.92 -2.82 -5.69
N20 ZP2 D . -14.51 -0.84 -7.49
O01 ZP2 D . -7.09 -4.71 -9.62
O10 ZP2 D . -12.06 -5.88 -9.58
O14 ZP2 D . -16.83 -5.05 -8.00
O21 ZP2 D . -15.74 -0.17 -7.38
#